data_1QAG
#
_entry.id   1QAG
#
_cell.length_a   150.145
_cell.length_b   55.160
_cell.length_c   80.420
_cell.angle_alpha   90.00
_cell.angle_beta   106.06
_cell.angle_gamma   90.00
#
_symmetry.space_group_name_H-M   'C 1 2 1'
#
loop_
_entity.id
_entity.type
_entity.pdbx_description
1 polymer 'UTROPHIN ACTIN BINDING REGION'
2 water water
#
_entity_poly.entity_id   1
_entity_poly.type   'polypeptide(L)'
_entity_poly.pdbx_seq_one_letter_code
;DVQKKTFTKWINARFSKSGKPPIND(MSE)FTDLKDGRKLLDLLEGLTGTSLPKERGSTRVHALNNVNRVLQVLHQNNVE
LVNIGGTDIVDGNHKLTLGLLWSIILHWQVKDV(MSE)KDV(MSE)SDLQQTNSEKILLSWVRQTTRPYSQVNVLNFTTS
WTDGLAFNAVLHRHKPDLFSWDKVVK(MSE)SPIERLEHAFSKAQTYLGIEKLLDPEDVAVRLPDKKSII(MSE)YLTSL
FEVLPQ
;
_entity_poly.pdbx_strand_id   A,B
#
# COMPACT_ATOMS: atom_id res chain seq x y z
N ASP A 1 31.02 6.73 1.15
CA ASP A 1 31.69 7.99 0.72
C ASP A 1 30.69 9.16 0.69
N VAL A 2 29.68 9.03 -0.17
CA VAL A 2 28.64 10.05 -0.27
C VAL A 2 27.64 9.64 0.82
N GLN A 3 27.32 8.34 0.84
CA GLN A 3 26.41 7.77 1.81
C GLN A 3 26.88 8.15 3.18
N LYS A 4 28.15 8.49 3.30
CA LYS A 4 28.69 8.88 4.59
C LYS A 4 28.10 10.24 4.93
N LYS A 5 28.48 11.24 4.15
CA LYS A 5 28.00 12.60 4.32
C LYS A 5 26.52 12.66 4.66
N THR A 6 25.68 12.07 3.79
CA THR A 6 24.25 12.10 4.00
C THR A 6 23.77 11.33 5.23
N PHE A 7 24.31 10.14 5.45
CA PHE A 7 23.91 9.34 6.61
C PHE A 7 24.33 10.08 7.89
N THR A 8 25.50 10.70 7.86
CA THR A 8 25.96 11.47 9.01
C THR A 8 24.96 12.58 9.27
N LYS A 9 24.66 13.33 8.20
CA LYS A 9 23.72 14.42 8.30
C LYS A 9 22.41 13.92 8.90
N TRP A 10 21.83 12.90 8.29
CA TRP A 10 20.56 12.36 8.77
C TRP A 10 20.60 12.07 10.27
N ILE A 11 21.59 11.32 10.71
CA ILE A 11 21.70 10.99 12.13
C ILE A 11 21.87 12.27 12.95
N ASN A 12 22.73 13.17 12.49
CA ASN A 12 22.92 14.42 13.21
C ASN A 12 21.63 15.21 13.28
N ALA A 13 20.81 15.08 12.24
CA ALA A 13 19.51 15.74 12.17
C ALA A 13 18.70 15.16 13.31
N ARG A 14 18.57 13.84 13.32
CA ARG A 14 17.83 13.11 14.35
C ARG A 14 18.24 13.61 15.72
N PHE A 15 19.55 13.76 15.92
CA PHE A 15 20.09 14.21 17.21
C PHE A 15 19.68 15.64 17.59
N SER A 16 20.09 16.61 16.79
CA SER A 16 19.78 18.01 17.03
C SER A 16 18.29 18.22 17.31
N LYS A 17 17.45 17.56 16.52
CA LYS A 17 16.00 17.66 16.65
C LYS A 17 15.47 17.11 17.98
N SER A 18 16.36 16.63 18.83
CA SER A 18 15.95 16.09 20.13
C SER A 18 16.92 16.49 21.26
N GLY A 19 17.48 17.69 21.14
CA GLY A 19 18.39 18.19 22.14
C GLY A 19 19.71 17.48 22.34
N LYS A 20 19.98 16.45 21.54
CA LYS A 20 21.23 15.70 21.68
C LYS A 20 22.31 16.18 20.68
N PRO A 21 23.59 16.25 21.13
CA PRO A 21 24.75 16.69 20.33
C PRO A 21 25.03 15.91 19.07
N PRO A 22 25.68 16.53 18.08
CA PRO A 22 25.99 15.84 16.82
C PRO A 22 27.32 15.11 16.94
N ILE A 23 27.67 14.36 15.90
CA ILE A 23 28.93 13.62 15.88
C ILE A 23 29.74 14.22 14.77
N ASN A 24 31.05 14.02 14.80
CA ASN A 24 31.92 14.56 13.76
C ASN A 24 32.16 13.48 12.70
N ASP A 25 32.91 12.45 13.06
CA ASP A 25 33.22 11.34 12.15
C ASP A 25 32.36 10.11 12.42
N MSE A 26 31.58 9.73 11.42
CA MSE A 26 30.69 8.60 11.51
C MSE A 26 31.36 7.22 11.63
O MSE A 26 30.69 6.21 11.89
CB MSE A 26 29.75 8.62 10.31
CG MSE A 26 28.99 7.34 10.13
SE MSE A 26 27.81 7.49 8.73
CE MSE A 26 27.13 5.79 8.88
N PHE A 27 32.67 7.17 11.42
CA PHE A 27 33.37 5.90 11.50
C PHE A 27 34.26 5.97 12.73
N THR A 28 33.75 6.63 13.75
CA THR A 28 34.50 6.81 14.98
C THR A 28 33.55 6.99 16.16
N ASP A 29 32.96 8.17 16.23
CA ASP A 29 32.04 8.54 17.29
C ASP A 29 30.95 7.49 17.47
N LEU A 30 30.84 6.60 16.50
CA LEU A 30 29.82 5.57 16.53
C LEU A 30 30.22 4.27 17.21
N LYS A 31 31.53 4.00 17.23
CA LYS A 31 32.12 2.78 17.79
C LYS A 31 31.77 2.32 19.19
N ASP A 32 32.05 3.15 20.20
CA ASP A 32 31.75 2.76 21.59
C ASP A 32 30.29 2.39 21.87
N GLY A 33 29.44 2.49 20.85
CA GLY A 33 28.03 2.14 20.99
C GLY A 33 27.09 3.13 21.65
N ARG A 34 27.65 4.05 22.42
CA ARG A 34 26.85 5.04 23.13
C ARG A 34 25.87 5.79 22.22
N LYS A 35 26.43 6.55 21.28
CA LYS A 35 25.62 7.32 20.34
C LYS A 35 24.50 6.53 19.70
N LEU A 36 24.83 5.36 19.17
CA LEU A 36 23.82 4.51 18.54
C LEU A 36 22.75 4.12 19.56
N LEU A 37 23.13 4.07 20.83
CA LEU A 37 22.18 3.73 21.88
C LEU A 37 21.21 4.89 22.04
N ASP A 38 21.72 6.11 21.89
CA ASP A 38 20.89 7.31 21.99
C ASP A 38 19.93 7.26 20.82
N LEU A 39 20.50 7.31 19.63
CA LEU A 39 19.74 7.24 18.40
C LEU A 39 18.51 6.32 18.56
N LEU A 40 18.75 5.10 19.01
CA LEU A 40 17.66 4.14 19.16
C LEU A 40 16.66 4.46 20.26
N GLU A 41 17.16 5.08 21.33
CA GLU A 41 16.32 5.48 22.45
C GLU A 41 15.31 6.50 21.93
N GLY A 42 15.84 7.59 21.37
CA GLY A 42 14.98 8.63 20.82
C GLY A 42 14.04 8.09 19.77
N LEU A 43 14.57 7.25 18.89
CA LEU A 43 13.77 6.64 17.84
C LEU A 43 12.61 5.80 18.40
N THR A 44 12.85 5.09 19.48
CA THR A 44 11.83 4.21 20.06
C THR A 44 11.08 4.74 21.28
N GLY A 45 11.53 5.87 21.84
CA GLY A 45 10.90 6.42 23.02
C GLY A 45 11.05 5.47 24.18
N THR A 46 12.19 4.79 24.23
CA THR A 46 12.50 3.81 25.26
C THR A 46 13.75 4.21 26.01
N SER A 47 13.98 3.58 27.15
CA SER A 47 15.17 3.83 27.94
C SER A 47 16.08 2.63 27.75
N LEU A 48 17.31 2.89 27.36
CA LEU A 48 18.24 1.81 27.14
C LEU A 48 19.47 1.91 28.04
N PRO A 49 19.82 0.80 28.69
CA PRO A 49 20.98 0.77 29.59
C PRO A 49 22.23 1.20 28.81
N LYS A 50 23.12 1.91 29.47
CA LYS A 50 24.33 2.31 28.81
C LYS A 50 25.47 2.02 29.77
N GLU A 51 26.45 1.26 29.30
CA GLU A 51 27.60 0.92 30.14
C GLU A 51 28.59 2.08 30.07
N ARG A 52 29.00 2.57 31.24
CA ARG A 52 29.88 3.73 31.35
C ARG A 52 31.38 3.56 31.20
N GLY A 53 31.89 2.34 31.33
CA GLY A 53 33.32 2.15 31.21
C GLY A 53 33.90 2.41 29.84
N SER A 54 35.09 3.00 29.79
CA SER A 54 35.74 3.28 28.52
C SER A 54 36.80 2.23 28.16
N THR A 55 36.35 0.98 27.97
CA THR A 55 37.24 -0.11 27.64
C THR A 55 36.51 -1.07 26.71
N ARG A 56 37.22 -1.53 25.69
CA ARG A 56 36.68 -2.46 24.70
C ARG A 56 35.47 -3.28 25.15
N VAL A 57 35.55 -3.89 26.33
CA VAL A 57 34.44 -4.71 26.81
C VAL A 57 33.10 -4.02 26.67
N HIS A 58 33.01 -2.85 27.29
CA HIS A 58 31.80 -2.04 27.29
C HIS A 58 31.37 -1.61 25.92
N ALA A 59 32.35 -1.26 25.09
CA ALA A 59 32.07 -0.88 23.72
C ALA A 59 31.30 -2.03 23.07
N LEU A 60 31.87 -3.23 23.14
CA LEU A 60 31.22 -4.40 22.57
C LEU A 60 29.85 -4.62 23.21
N ASN A 61 29.80 -4.45 24.53
CA ASN A 61 28.57 -4.60 25.33
C ASN A 61 27.42 -3.72 24.86
N ASN A 62 27.73 -2.44 24.70
CA ASN A 62 26.77 -1.45 24.24
C ASN A 62 26.32 -1.80 22.83
N VAL A 63 27.28 -1.94 21.92
CA VAL A 63 26.97 -2.28 20.53
C VAL A 63 26.13 -3.56 20.45
N ASN A 64 26.30 -4.46 21.41
CA ASN A 64 25.51 -5.67 21.36
C ASN A 64 24.06 -5.35 21.68
N ARG A 65 23.84 -4.47 22.65
CA ARG A 65 22.49 -4.07 23.01
C ARG A 65 21.85 -3.45 21.78
N VAL A 66 22.60 -2.61 21.09
CA VAL A 66 22.10 -1.97 19.88
C VAL A 66 21.57 -3.06 18.98
N LEU A 67 22.46 -3.91 18.50
CA LEU A 67 22.06 -5.02 17.62
C LEU A 67 20.93 -5.79 18.27
N GLN A 68 21.05 -6.02 19.58
CA GLN A 68 20.02 -6.74 20.31
C GLN A 68 18.66 -6.13 19.98
N VAL A 69 18.55 -4.82 20.21
CA VAL A 69 17.32 -4.09 19.96
C VAL A 69 16.79 -4.28 18.56
N LEU A 70 17.59 -3.91 17.57
CA LEU A 70 17.19 -4.06 16.18
C LEU A 70 16.54 -5.42 16.02
N HIS A 71 17.22 -6.45 16.49
CA HIS A 71 16.69 -7.80 16.40
C HIS A 71 15.29 -7.83 17.02
N GLN A 72 15.14 -7.26 18.20
CA GLN A 72 13.85 -7.21 18.87
C GLN A 72 12.80 -6.59 17.95
N ASN A 73 13.25 -5.66 17.11
CA ASN A 73 12.38 -4.97 16.17
C ASN A 73 12.28 -5.64 14.81
N ASN A 74 12.71 -6.89 14.72
CA ASN A 74 12.67 -7.63 13.47
C ASN A 74 13.53 -6.96 12.41
N VAL A 75 14.70 -6.51 12.83
CA VAL A 75 15.66 -5.88 11.94
C VAL A 75 16.95 -6.64 12.16
N GLU A 76 17.07 -7.80 11.51
CA GLU A 76 18.27 -8.60 11.65
C GLU A 76 19.31 -8.16 10.62
N LEU A 77 20.59 -8.34 10.95
CA LEU A 77 21.66 -7.94 10.06
C LEU A 77 22.41 -9.13 9.51
N VAL A 78 22.77 -9.03 8.24
CA VAL A 78 23.51 -10.09 7.56
C VAL A 78 24.79 -10.43 8.32
N ASN A 79 25.93 -10.01 7.76
CA ASN A 79 27.21 -10.28 8.36
C ASN A 79 27.69 -9.12 9.24
N ILE A 80 26.97 -8.85 10.32
CA ILE A 80 27.35 -7.78 11.23
C ILE A 80 27.28 -8.19 12.70
N GLY A 81 28.28 -7.78 13.46
CA GLY A 81 28.34 -8.11 14.87
C GLY A 81 29.16 -7.08 15.61
N GLY A 82 29.02 -7.09 16.93
CA GLY A 82 29.72 -6.14 17.77
C GLY A 82 31.02 -5.61 17.24
N THR A 83 32.03 -6.47 17.20
CA THR A 83 33.36 -6.10 16.74
C THR A 83 33.44 -5.21 15.49
N ASP A 84 32.64 -5.56 14.49
CA ASP A 84 32.58 -4.83 13.21
C ASP A 84 32.44 -3.34 13.43
N ILE A 85 31.40 -3.00 14.19
CA ILE A 85 31.12 -1.62 14.53
C ILE A 85 32.17 -1.12 15.51
N VAL A 86 32.44 -1.92 16.54
CA VAL A 86 33.43 -1.51 17.52
C VAL A 86 34.79 -1.24 16.88
N ASP A 87 35.06 -1.86 15.74
CA ASP A 87 36.35 -1.67 15.10
C ASP A 87 36.41 -0.61 14.01
N GLY A 88 35.25 -0.17 13.55
CA GLY A 88 35.24 0.89 12.55
C GLY A 88 35.14 0.43 11.12
N ASN A 89 34.54 -0.72 10.89
CA ASN A 89 34.41 -1.22 9.54
C ASN A 89 33.47 -0.30 8.74
N HIS A 90 34.07 0.58 7.94
CA HIS A 90 33.35 1.53 7.11
C HIS A 90 32.13 0.87 6.48
N LYS A 91 32.40 0.00 5.53
CA LYS A 91 31.35 -0.68 4.83
C LYS A 91 30.18 -1.06 5.73
N LEU A 92 30.46 -1.77 6.82
CA LEU A 92 29.41 -2.24 7.72
C LEU A 92 28.80 -1.22 8.66
N THR A 93 29.57 -0.20 9.03
CA THR A 93 29.03 0.82 9.93
C THR A 93 27.85 1.51 9.23
N LEU A 94 28.04 1.85 7.96
CA LEU A 94 26.99 2.48 7.14
C LEU A 94 25.84 1.50 7.03
N GLY A 95 26.19 0.32 6.53
CA GLY A 95 25.22 -0.75 6.36
C GLY A 95 24.30 -0.89 7.54
N LEU A 96 24.80 -0.56 8.74
CA LEU A 96 24.00 -0.64 9.97
C LEU A 96 23.07 0.57 10.08
N LEU A 97 23.66 1.75 9.90
CA LEU A 97 22.88 2.96 9.98
C LEU A 97 21.70 2.85 9.04
N TRP A 98 22.00 2.58 7.78
CA TRP A 98 20.98 2.46 6.76
C TRP A 98 19.89 1.51 7.23
N SER A 99 20.26 0.44 7.92
CA SER A 99 19.27 -0.52 8.38
C SER A 99 18.26 0.15 9.30
N ILE A 100 18.77 1.08 10.13
CA ILE A 100 17.95 1.83 11.07
C ILE A 100 17.06 2.79 10.31
N ILE A 101 17.68 3.66 9.51
CA ILE A 101 16.96 4.61 8.68
C ILE A 101 15.85 3.89 7.91
N LEU A 102 16.24 2.83 7.23
CA LEU A 102 15.32 2.03 6.46
C LEU A 102 14.13 1.56 7.31
N HIS A 103 14.41 0.98 8.48
CA HIS A 103 13.31 0.50 9.31
C HIS A 103 12.42 1.57 9.96
N TRP A 104 13.03 2.58 10.58
CA TRP A 104 12.23 3.59 11.26
C TRP A 104 11.67 4.71 10.42
N GLN A 105 12.23 4.90 9.23
CA GLN A 105 11.75 5.95 8.35
C GLN A 105 11.20 5.35 7.06
N VAL A 106 12.09 5.20 6.09
CA VAL A 106 11.75 4.65 4.78
C VAL A 106 10.62 3.63 4.78
N LYS A 107 10.77 2.56 5.55
CA LYS A 107 9.75 1.53 5.59
C LYS A 107 8.50 1.98 6.32
N ASP A 108 8.69 2.80 7.36
CA ASP A 108 7.58 3.31 8.14
C ASP A 108 6.63 4.11 7.26
N VAL A 109 7.23 5.06 6.54
CA VAL A 109 6.53 5.93 5.64
C VAL A 109 5.65 5.20 4.61
N MSE A 110 6.11 4.03 4.17
CA MSE A 110 5.38 3.26 3.16
C MSE A 110 3.94 2.94 3.48
O MSE A 110 3.16 2.69 2.56
CB MSE A 110 6.13 1.98 2.84
CG MSE A 110 7.45 2.29 2.22
SE MSE A 110 7.18 3.09 0.57
CE MSE A 110 8.93 3.36 0.15
N LYS A 111 3.57 2.93 4.75
CA LYS A 111 2.19 2.64 5.08
C LYS A 111 1.31 3.78 4.59
N ASP A 112 1.76 5.01 4.84
CA ASP A 112 1.04 6.20 4.44
C ASP A 112 1.02 6.29 2.91
N VAL A 113 2.19 6.15 2.29
CA VAL A 113 2.27 6.20 0.83
C VAL A 113 1.22 5.31 0.21
N MSE A 114 1.05 4.10 0.74
CA MSE A 114 0.04 3.17 0.22
C MSE A 114 -1.37 3.73 0.40
O MSE A 114 -2.20 3.57 -0.49
CB MSE A 114 0.13 1.81 0.91
CG MSE A 114 1.55 1.20 0.88
SE MSE A 114 1.57 -0.64 1.27
CE MSE A 114 3.38 -0.83 1.12
N SER A 115 -1.64 4.37 1.53
CA SER A 115 -2.96 4.95 1.78
C SER A 115 -3.30 5.98 0.71
N ASP A 116 -2.32 6.81 0.36
CA ASP A 116 -2.48 7.83 -0.64
C ASP A 116 -2.71 7.18 -2.00
N LEU A 117 -2.00 6.07 -2.21
CA LEU A 117 -2.06 5.30 -3.45
C LEU A 117 -3.30 4.44 -3.53
N GLN A 118 -3.72 3.90 -2.38
CA GLN A 118 -4.86 3.01 -2.31
C GLN A 118 -6.21 3.58 -2.70
N GLN A 119 -6.35 4.91 -2.69
CA GLN A 119 -7.62 5.53 -3.06
C GLN A 119 -7.69 5.81 -4.55
N THR A 120 -6.54 6.11 -5.15
CA THR A 120 -6.46 6.41 -6.57
C THR A 120 -6.10 5.20 -7.43
N ASN A 121 -4.80 4.88 -7.48
CA ASN A 121 -4.30 3.77 -8.28
C ASN A 121 -4.63 2.37 -7.75
N SER A 122 -5.87 2.17 -7.32
CA SER A 122 -6.31 0.89 -6.81
C SER A 122 -6.37 -0.12 -7.96
N GLU A 123 -7.36 0.05 -8.82
CA GLU A 123 -7.57 -0.82 -9.98
C GLU A 123 -6.29 -1.06 -10.80
N LYS A 124 -5.47 -0.03 -10.95
CA LYS A 124 -4.24 -0.14 -11.71
C LYS A 124 -3.18 -0.98 -11.01
N ILE A 125 -3.07 -0.79 -9.70
CA ILE A 125 -2.09 -1.51 -8.88
C ILE A 125 -2.44 -2.99 -8.75
N LEU A 126 -3.72 -3.32 -8.88
CA LEU A 126 -4.18 -4.70 -8.79
C LEU A 126 -3.99 -5.40 -10.12
N LEU A 127 -3.88 -4.63 -11.20
CA LEU A 127 -3.68 -5.23 -12.52
C LEU A 127 -2.23 -5.65 -12.67
N SER A 128 -1.33 -4.81 -12.18
CA SER A 128 0.10 -5.11 -12.27
C SER A 128 0.44 -6.30 -11.36
N TRP A 129 -0.48 -6.65 -10.46
CA TRP A 129 -0.26 -7.78 -9.56
C TRP A 129 -0.57 -9.05 -10.35
N VAL A 130 -1.73 -9.06 -10.99
CA VAL A 130 -2.17 -10.20 -11.78
C VAL A 130 -1.19 -10.45 -12.95
N ARG A 131 -0.72 -9.39 -13.57
CA ARG A 131 0.21 -9.53 -14.68
C ARG A 131 1.48 -10.24 -14.22
N GLN A 132 1.97 -9.84 -13.06
CA GLN A 132 3.17 -10.42 -12.48
C GLN A 132 2.94 -11.85 -12.03
N THR A 133 1.75 -12.11 -11.50
CA THR A 133 1.41 -13.44 -11.01
C THR A 133 1.30 -14.45 -12.14
N THR A 134 0.64 -14.05 -13.23
CA THR A 134 0.45 -14.95 -14.37
C THR A 134 1.49 -14.77 -15.46
N ARG A 135 2.59 -14.10 -15.15
CA ARG A 135 3.65 -13.88 -16.13
C ARG A 135 4.14 -15.19 -16.76
N PRO A 136 4.56 -16.17 -15.93
CA PRO A 136 5.05 -17.45 -16.46
C PRO A 136 4.12 -18.11 -17.48
N TYR A 137 2.82 -18.03 -17.25
CA TYR A 137 1.84 -18.63 -18.15
C TYR A 137 1.81 -17.94 -19.50
N SER A 138 2.35 -18.63 -20.48
CA SER A 138 2.46 -18.15 -21.84
C SER A 138 1.17 -17.62 -22.46
N GLN A 139 0.16 -18.48 -22.54
CA GLN A 139 -1.12 -18.14 -23.16
C GLN A 139 -2.04 -17.23 -22.35
N VAL A 140 -1.49 -16.47 -21.41
CA VAL A 140 -2.31 -15.57 -20.60
C VAL A 140 -1.78 -14.14 -20.63
N ASN A 141 -2.62 -13.23 -21.11
CA ASN A 141 -2.25 -11.82 -21.18
C ASN A 141 -3.41 -10.96 -20.69
N VAL A 142 -3.23 -10.39 -19.50
CA VAL A 142 -4.25 -9.56 -18.87
C VAL A 142 -3.98 -8.08 -19.06
N LEU A 143 -4.90 -7.40 -19.74
CA LEU A 143 -4.78 -5.97 -20.00
C LEU A 143 -5.84 -5.20 -19.21
N ASN A 144 -6.92 -5.89 -18.88
CA ASN A 144 -8.03 -5.28 -18.17
C ASN A 144 -8.75 -6.30 -17.30
N PHE A 145 -9.85 -5.87 -16.70
CA PHE A 145 -10.65 -6.75 -15.86
C PHE A 145 -11.99 -7.03 -16.52
N THR A 146 -11.93 -7.19 -17.84
CA THR A 146 -13.12 -7.48 -18.61
C THR A 146 -12.81 -8.57 -19.63
N THR A 147 -12.36 -8.17 -20.81
CA THR A 147 -12.08 -9.14 -21.86
C THR A 147 -10.94 -10.11 -21.57
N SER A 148 -9.90 -9.65 -20.91
CA SER A 148 -8.76 -10.52 -20.62
C SER A 148 -9.15 -11.76 -19.82
N TRP A 149 -10.35 -11.75 -19.24
CA TRP A 149 -10.81 -12.87 -18.42
C TRP A 149 -11.87 -13.77 -19.06
N THR A 150 -12.25 -13.45 -20.29
CA THR A 150 -13.28 -14.19 -21.04
C THR A 150 -12.97 -15.63 -21.44
N ASP A 151 -11.73 -15.90 -21.88
CA ASP A 151 -11.33 -17.25 -22.28
C ASP A 151 -11.19 -18.17 -21.07
N GLY A 152 -11.26 -17.59 -19.87
CA GLY A 152 -11.17 -18.35 -18.63
C GLY A 152 -9.80 -18.88 -18.30
N LEU A 153 -8.80 -18.51 -19.09
CA LEU A 153 -7.44 -18.98 -18.85
C LEU A 153 -6.85 -18.21 -17.68
N ALA A 154 -6.95 -16.89 -17.76
CA ALA A 154 -6.41 -16.00 -16.73
C ALA A 154 -6.88 -16.38 -15.32
N PHE A 155 -8.13 -16.80 -15.19
CA PHE A 155 -8.64 -17.18 -13.88
C PHE A 155 -7.89 -18.36 -13.29
N ASN A 156 -7.62 -19.37 -14.10
CA ASN A 156 -6.90 -20.56 -13.65
C ASN A 156 -5.44 -20.26 -13.35
N ALA A 157 -4.81 -19.49 -14.24
CA ALA A 157 -3.40 -19.13 -14.05
C ALA A 157 -3.18 -18.56 -12.65
N VAL A 158 -4.09 -17.71 -12.20
CA VAL A 158 -3.98 -17.09 -10.89
C VAL A 158 -3.96 -18.16 -9.78
N LEU A 159 -4.89 -19.10 -9.88
CA LEU A 159 -4.99 -20.21 -8.93
C LEU A 159 -3.68 -21.01 -8.95
N HIS A 160 -3.46 -21.67 -10.10
CA HIS A 160 -2.30 -22.52 -10.35
C HIS A 160 -0.99 -21.98 -9.81
N ARG A 161 -0.54 -20.85 -10.35
CA ARG A 161 0.71 -20.22 -9.95
C ARG A 161 1.15 -20.48 -8.51
N HIS A 162 0.21 -20.54 -7.58
CA HIS A 162 0.57 -20.78 -6.18
C HIS A 162 0.01 -22.11 -5.65
N LYS A 163 0.28 -23.19 -6.39
CA LYS A 163 -0.17 -24.54 -6.07
C LYS A 163 -0.33 -25.30 -7.39
N PRO A 164 0.78 -25.49 -8.12
CA PRO A 164 0.78 -26.21 -9.41
C PRO A 164 0.42 -27.69 -9.35
N ASP A 165 0.50 -28.28 -8.16
CA ASP A 165 0.19 -29.68 -7.98
C ASP A 165 -1.31 -29.89 -7.89
N LEU A 166 -2.04 -28.78 -7.87
CA LEU A 166 -3.50 -28.80 -7.77
C LEU A 166 -4.17 -29.34 -9.04
N PHE A 167 -3.55 -29.05 -10.18
CA PHE A 167 -4.07 -29.51 -11.45
C PHE A 167 -3.06 -29.22 -12.58
N SER A 168 -3.26 -29.89 -13.72
CA SER A 168 -2.37 -29.73 -14.86
C SER A 168 -2.68 -28.47 -15.66
N TRP A 169 -1.67 -27.64 -15.86
CA TRP A 169 -1.86 -26.42 -16.65
C TRP A 169 -2.10 -26.72 -18.11
N ASP A 170 -1.37 -27.72 -18.63
CA ASP A 170 -1.52 -28.09 -20.03
C ASP A 170 -2.92 -28.67 -20.25
N LYS A 171 -3.40 -29.40 -19.24
CA LYS A 171 -4.72 -30.01 -19.29
C LYS A 171 -5.79 -28.92 -19.47
N VAL A 172 -5.52 -27.75 -18.90
CA VAL A 172 -6.43 -26.62 -18.98
C VAL A 172 -6.48 -26.04 -20.39
N VAL A 173 -5.33 -25.60 -20.89
CA VAL A 173 -5.22 -25.01 -22.23
C VAL A 173 -5.94 -25.86 -23.28
N LYS A 174 -6.18 -27.13 -22.94
CA LYS A 174 -6.87 -28.04 -23.83
C LYS A 174 -8.37 -27.82 -23.83
N MSE A 175 -8.97 -27.67 -22.65
CA MSE A 175 -10.41 -27.48 -22.51
C MSE A 175 -10.94 -26.14 -23.02
O MSE A 175 -10.20 -25.17 -23.16
CB MSE A 175 -10.87 -27.68 -21.06
CG MSE A 175 -9.93 -27.17 -19.95
SE MSE A 175 -10.54 -27.68 -18.26
CE MSE A 175 -9.17 -26.91 -17.32
N SER A 176 -12.23 -26.11 -23.31
CA SER A 176 -12.88 -24.91 -23.82
C SER A 176 -13.03 -23.83 -22.74
N PRO A 177 -13.25 -22.57 -23.15
CA PRO A 177 -13.40 -21.46 -22.21
C PRO A 177 -14.45 -21.76 -21.14
N ILE A 178 -15.52 -22.45 -21.53
CA ILE A 178 -16.56 -22.79 -20.59
C ILE A 178 -16.05 -23.80 -19.56
N GLU A 179 -15.33 -24.81 -20.03
CA GLU A 179 -14.79 -25.80 -19.13
C GLU A 179 -13.77 -25.08 -18.26
N ARG A 180 -12.90 -24.32 -18.92
CA ARG A 180 -11.85 -23.58 -18.22
C ARG A 180 -12.34 -22.77 -17.02
N LEU A 181 -13.58 -22.29 -17.10
CA LEU A 181 -14.14 -21.51 -16.02
C LEU A 181 -14.86 -22.42 -15.04
N GLU A 182 -15.78 -23.24 -15.53
CA GLU A 182 -16.51 -24.17 -14.67
C GLU A 182 -15.52 -24.82 -13.71
N HIS A 183 -14.33 -25.08 -14.26
CA HIS A 183 -13.24 -25.71 -13.54
C HIS A 183 -12.72 -24.82 -12.43
N ALA A 184 -12.05 -23.74 -12.83
CA ALA A 184 -11.46 -22.76 -11.91
C ALA A 184 -12.39 -22.43 -10.76
N PHE A 185 -13.63 -22.08 -11.10
CA PHE A 185 -14.62 -21.74 -10.11
C PHE A 185 -14.82 -22.93 -9.18
N SER A 186 -14.89 -24.11 -9.75
CA SER A 186 -15.07 -25.31 -8.95
C SER A 186 -13.85 -25.53 -8.08
N LYS A 187 -12.66 -25.44 -8.67
CA LYS A 187 -11.43 -25.60 -7.91
C LYS A 187 -11.45 -24.63 -6.75
N ALA A 188 -11.23 -23.36 -7.04
CA ALA A 188 -11.23 -22.31 -6.01
C ALA A 188 -12.28 -22.55 -4.92
N GLN A 189 -13.45 -23.05 -5.32
CA GLN A 189 -14.53 -23.33 -4.38
C GLN A 189 -14.21 -24.41 -3.37
N THR A 190 -13.86 -25.60 -3.87
CA THR A 190 -13.54 -26.75 -3.01
C THR A 190 -12.29 -26.58 -2.17
N TYR A 191 -11.23 -26.08 -2.81
CA TYR A 191 -9.95 -25.92 -2.14
C TYR A 191 -9.68 -24.55 -1.53
N LEU A 192 -10.60 -23.59 -1.69
CA LEU A 192 -10.39 -22.27 -1.12
C LEU A 192 -11.59 -21.70 -0.38
N GLY A 193 -12.70 -22.44 -0.40
CA GLY A 193 -13.90 -21.99 0.29
C GLY A 193 -14.60 -20.83 -0.38
N ILE A 194 -13.94 -20.25 -1.38
CA ILE A 194 -14.50 -19.12 -2.12
C ILE A 194 -15.75 -19.59 -2.86
N GLU A 195 -16.84 -18.86 -2.66
CA GLU A 195 -18.14 -19.15 -3.28
C GLU A 195 -18.10 -18.85 -4.77
N LYS A 196 -18.90 -19.59 -5.53
CA LYS A 196 -18.95 -19.40 -6.98
C LYS A 196 -19.74 -18.16 -7.36
N LEU A 197 -19.14 -17.00 -7.12
CA LEU A 197 -19.77 -15.73 -7.42
C LEU A 197 -20.16 -15.63 -8.90
N LEU A 198 -19.22 -15.86 -9.80
CA LEU A 198 -19.54 -15.78 -11.21
C LEU A 198 -20.03 -17.08 -11.80
N ASP A 199 -20.65 -16.94 -12.97
CA ASP A 199 -21.15 -18.04 -13.74
C ASP A 199 -20.44 -17.92 -15.08
N PRO A 200 -20.06 -19.05 -15.68
CA PRO A 200 -19.35 -19.01 -16.96
C PRO A 200 -20.06 -18.18 -18.04
N GLU A 201 -21.32 -18.50 -18.32
CA GLU A 201 -22.09 -17.78 -19.33
C GLU A 201 -22.00 -16.27 -19.13
N ASP A 202 -21.75 -15.87 -17.89
CA ASP A 202 -21.65 -14.45 -17.53
C ASP A 202 -20.27 -13.88 -17.84
N VAL A 203 -19.25 -14.72 -17.72
CA VAL A 203 -17.87 -14.27 -17.96
C VAL A 203 -17.42 -14.44 -19.40
N ALA A 204 -17.97 -15.44 -20.08
CA ALA A 204 -17.64 -15.69 -21.48
C ALA A 204 -18.57 -14.88 -22.38
N VAL A 205 -18.28 -13.59 -22.50
CA VAL A 205 -19.08 -12.66 -23.31
C VAL A 205 -18.19 -11.51 -23.77
N ARG A 206 -18.56 -10.90 -24.91
CA ARG A 206 -17.82 -9.78 -25.50
C ARG A 206 -17.25 -8.89 -24.42
N LEU A 207 -18.16 -8.30 -23.64
CA LEU A 207 -17.80 -7.42 -22.53
C LEU A 207 -18.43 -7.97 -21.26
N PRO A 208 -17.62 -8.54 -20.35
CA PRO A 208 -18.20 -9.07 -19.12
C PRO A 208 -18.14 -7.97 -18.08
N ASP A 209 -18.97 -8.08 -17.04
CA ASP A 209 -19.04 -7.07 -15.99
C ASP A 209 -17.75 -6.91 -15.20
N LYS A 210 -17.17 -5.71 -15.29
CA LYS A 210 -15.92 -5.40 -14.61
C LYS A 210 -15.96 -5.50 -13.08
N LYS A 211 -16.98 -4.92 -12.46
CA LYS A 211 -17.10 -4.95 -11.01
C LYS A 211 -17.19 -6.38 -10.46
N SER A 212 -17.99 -7.22 -11.11
CA SER A 212 -18.14 -8.60 -10.67
C SER A 212 -16.82 -9.39 -10.73
N ILE A 213 -16.01 -9.11 -11.75
CA ILE A 213 -14.71 -9.78 -11.89
C ILE A 213 -13.84 -9.41 -10.71
N ILE A 214 -13.55 -8.11 -10.61
CA ILE A 214 -12.72 -7.56 -9.54
C ILE A 214 -13.17 -8.00 -8.15
N MSE A 215 -14.47 -8.17 -7.95
CA MSE A 215 -14.92 -8.58 -6.63
C MSE A 215 -14.59 -10.05 -6.39
O MSE A 215 -14.23 -10.43 -5.28
CB MSE A 215 -16.42 -8.26 -6.44
CG MSE A 215 -17.42 -9.34 -6.85
SE MSE A 215 -18.98 -9.18 -5.83
CE MSE A 215 -19.93 -10.58 -6.55
N TYR A 216 -14.68 -10.87 -7.42
CA TYR A 216 -14.36 -12.30 -7.27
C TYR A 216 -12.85 -12.42 -7.16
N LEU A 217 -12.16 -11.68 -8.00
CA LEU A 217 -10.71 -11.68 -8.01
C LEU A 217 -10.17 -11.35 -6.63
N THR A 218 -10.75 -10.34 -5.98
CA THR A 218 -10.27 -9.94 -4.67
C THR A 218 -10.64 -10.99 -3.65
N SER A 219 -11.70 -11.73 -3.92
CA SER A 219 -12.13 -12.77 -3.00
C SER A 219 -11.03 -13.81 -3.00
N LEU A 220 -10.73 -14.33 -4.19
CA LEU A 220 -9.69 -15.33 -4.37
C LEU A 220 -8.41 -14.97 -3.65
N PHE A 221 -7.91 -13.79 -3.98
CA PHE A 221 -6.67 -13.28 -3.42
C PHE A 221 -6.60 -13.31 -1.90
N GLU A 222 -7.69 -12.92 -1.24
CA GLU A 222 -7.69 -12.88 0.22
C GLU A 222 -7.20 -14.17 0.84
N VAL A 223 -7.81 -15.26 0.43
CA VAL A 223 -7.47 -16.56 0.97
C VAL A 223 -6.37 -17.30 0.19
N LEU A 224 -5.74 -16.62 -0.76
CA LEU A 224 -4.68 -17.25 -1.55
C LEU A 224 -3.37 -17.36 -0.79
N PRO A 225 -2.59 -18.42 -1.04
CA PRO A 225 -1.29 -18.64 -0.40
C PRO A 225 -0.22 -17.99 -1.26
N GLN A 226 0.95 -17.72 -0.70
CA GLN A 226 2.04 -17.08 -1.46
C GLN A 226 3.41 -17.67 -1.14
N ASP B 1 -28.31 -6.45 -13.70
CA ASP B 1 -28.81 -7.70 -14.32
C ASP B 1 -27.91 -8.89 -13.98
N VAL B 2 -26.65 -8.78 -14.38
CA VAL B 2 -25.66 -9.80 -14.07
C VAL B 2 -25.20 -9.45 -12.66
N GLN B 3 -24.85 -8.17 -12.50
CA GLN B 3 -24.38 -7.61 -11.23
C GLN B 3 -25.34 -8.02 -10.13
N LYS B 4 -26.60 -8.19 -10.48
CA LYS B 4 -27.58 -8.58 -9.48
C LYS B 4 -27.19 -9.98 -8.98
N LYS B 5 -27.25 -10.95 -9.89
CA LYS B 5 -26.91 -12.34 -9.59
C LYS B 5 -25.65 -12.43 -8.74
N THR B 6 -24.55 -11.83 -9.20
CA THR B 6 -23.31 -11.92 -8.45
C THR B 6 -23.36 -11.24 -7.09
N PHE B 7 -23.85 -10.00 -7.04
CA PHE B 7 -23.91 -9.27 -5.79
C PHE B 7 -24.82 -10.01 -4.81
N THR B 8 -25.86 -10.67 -5.32
CA THR B 8 -26.76 -11.41 -4.45
C THR B 8 -25.97 -12.56 -3.84
N LYS B 9 -25.22 -13.24 -4.69
CA LYS B 9 -24.44 -14.36 -4.24
C LYS B 9 -23.46 -13.88 -3.18
N TRP B 10 -22.70 -12.84 -3.51
CA TRP B 10 -21.72 -12.32 -2.57
C TRP B 10 -22.30 -12.01 -1.20
N ILE B 11 -23.39 -11.25 -1.16
CA ILE B 11 -24.03 -10.91 0.10
C ILE B 11 -24.49 -12.19 0.77
N ASN B 12 -25.11 -13.07 -0.01
CA ASN B 12 -25.59 -14.34 0.53
C ASN B 12 -24.43 -15.21 1.09
N ALA B 13 -23.27 -15.07 0.47
CA ALA B 13 -22.06 -15.78 0.90
C ALA B 13 -21.79 -15.24 2.30
N ARG B 14 -21.61 -13.92 2.38
CA ARG B 14 -21.37 -13.19 3.63
C ARG B 14 -22.31 -13.66 4.72
N PHE B 15 -23.58 -13.84 4.37
CA PHE B 15 -24.58 -14.29 5.33
C PHE B 15 -24.38 -15.72 5.80
N SER B 16 -24.42 -16.66 4.88
CA SER B 16 -24.24 -18.07 5.21
C SER B 16 -22.98 -18.30 6.05
N LYS B 17 -21.90 -17.66 5.63
CA LYS B 17 -20.61 -17.77 6.32
C LYS B 17 -20.64 -17.23 7.75
N SER B 18 -21.81 -16.77 8.19
CA SER B 18 -21.94 -16.25 9.55
C SER B 18 -23.26 -16.62 10.20
N GLY B 19 -23.78 -17.79 9.85
CA GLY B 19 -25.01 -18.28 10.43
C GLY B 19 -26.28 -17.49 10.15
N LYS B 20 -26.21 -16.52 9.25
CA LYS B 20 -27.38 -15.72 8.93
C LYS B 20 -28.00 -16.19 7.61
N PRO B 21 -29.36 -16.32 7.56
CA PRO B 21 -30.10 -16.77 6.37
C PRO B 21 -29.87 -15.93 5.14
N PRO B 22 -30.10 -16.52 3.95
CA PRO B 22 -29.91 -15.79 2.69
C PRO B 22 -31.16 -15.04 2.27
N ILE B 23 -31.05 -14.26 1.21
CA ILE B 23 -32.19 -13.50 0.69
C ILE B 23 -32.49 -14.09 -0.67
N ASN B 24 -33.72 -13.89 -1.15
CA ASN B 24 -34.12 -14.39 -2.46
C ASN B 24 -33.94 -13.28 -3.51
N ASP B 25 -34.79 -12.27 -3.47
CA ASP B 25 -34.69 -11.15 -4.41
C ASP B 25 -34.01 -9.94 -3.78
N MSE B 26 -32.90 -9.55 -4.39
CA MSE B 26 -32.11 -8.44 -3.89
C MSE B 26 -32.75 -7.07 -4.02
O MSE B 26 -32.23 -6.08 -3.47
CB MSE B 26 -30.77 -8.44 -4.58
CG MSE B 26 -30.05 -7.15 -4.44
SE MSE B 26 -28.41 -7.28 -5.22
CE MSE B 26 -27.84 -5.57 -4.88
N PHE B 27 -33.84 -6.98 -4.76
CA PHE B 27 -34.53 -5.69 -4.94
C PHE B 27 -35.83 -5.77 -4.17
N THR B 28 -35.76 -6.41 -3.01
CA THR B 28 -36.93 -6.61 -2.19
C THR B 28 -36.50 -6.81 -0.75
N ASP B 29 -36.00 -8.01 -0.48
CA ASP B 29 -35.57 -8.40 0.84
C ASP B 29 -34.61 -7.39 1.45
N LEU B 30 -34.07 -6.51 0.62
CA LEU B 30 -33.14 -5.50 1.09
C LEU B 30 -33.76 -4.20 1.54
N LYS B 31 -34.97 -3.93 1.05
CA LYS B 31 -35.73 -2.70 1.33
C LYS B 31 -35.94 -2.29 2.78
N ASP B 32 -36.59 -3.13 3.58
CA ASP B 32 -36.85 -2.76 4.98
C ASP B 32 -35.63 -2.42 5.83
N GLY B 33 -34.45 -2.43 5.23
CA GLY B 33 -33.22 -2.08 5.95
C GLY B 33 -32.62 -3.10 6.90
N ARG B 34 -33.43 -4.03 7.39
CA ARG B 34 -32.99 -5.06 8.32
C ARG B 34 -31.75 -5.81 7.84
N LYS B 35 -31.90 -6.54 6.74
CA LYS B 35 -30.81 -7.31 6.17
C LYS B 35 -29.51 -6.51 6.05
N LEU B 36 -29.59 -5.33 5.45
CA LEU B 36 -28.39 -4.52 5.29
C LEU B 36 -27.79 -4.18 6.64
N LEU B 37 -28.63 -4.12 7.67
CA LEU B 37 -28.14 -3.80 9.01
C LEU B 37 -27.32 -4.97 9.50
N ASP B 38 -27.79 -6.19 9.23
CA ASP B 38 -27.04 -7.40 9.59
C ASP B 38 -25.72 -7.34 8.84
N LEU B 39 -25.81 -7.38 7.52
CA LEU B 39 -24.65 -7.32 6.66
C LEU B 39 -23.53 -6.44 7.25
N LEU B 40 -23.89 -5.21 7.62
CA LEU B 40 -22.96 -4.24 8.20
C LEU B 40 -22.47 -4.59 9.60
N GLU B 41 -23.35 -5.18 10.39
CA GLU B 41 -23.00 -5.59 11.74
C GLU B 41 -21.87 -6.62 11.61
N GLY B 42 -22.18 -7.74 10.95
CA GLY B 42 -21.20 -8.78 10.75
C GLY B 42 -19.93 -8.20 10.15
N LEU B 43 -20.09 -7.39 9.12
CA LEU B 43 -18.93 -6.79 8.46
C LEU B 43 -18.06 -5.92 9.37
N THR B 44 -18.67 -5.35 10.41
CA THR B 44 -17.94 -4.44 11.32
C THR B 44 -17.76 -4.97 12.73
N GLY B 45 -18.44 -6.05 13.05
CA GLY B 45 -18.33 -6.62 14.37
C GLY B 45 -18.86 -5.64 15.39
N THR B 46 -19.92 -4.95 15.02
CA THR B 46 -20.56 -3.97 15.87
C THR B 46 -22.02 -4.35 16.05
N SER B 47 -22.65 -3.77 17.06
CA SER B 47 -24.07 -4.02 17.31
C SER B 47 -24.86 -2.81 16.81
N LEU B 48 -25.82 -3.05 15.94
CA LEU B 48 -26.60 -1.98 15.38
C LEU B 48 -28.07 -2.08 15.73
N PRO B 49 -28.65 -0.97 16.23
CA PRO B 49 -30.06 -0.86 16.62
C PRO B 49 -30.93 -1.18 15.43
N LYS B 50 -31.95 -1.99 15.64
CA LYS B 50 -32.83 -2.38 14.56
C LYS B 50 -34.25 -2.10 15.03
N GLU B 51 -34.99 -1.33 14.23
CA GLU B 51 -36.37 -1.00 14.58
C GLU B 51 -37.27 -2.12 14.07
N ARG B 52 -38.06 -2.68 14.99
CA ARG B 52 -38.93 -3.82 14.73
C ARG B 52 -40.27 -3.63 14.01
N GLY B 53 -40.76 -2.40 13.95
CA GLY B 53 -42.05 -2.16 13.30
C GLY B 53 -42.01 -2.40 11.81
N SER B 54 -43.09 -2.95 11.26
CA SER B 54 -43.18 -3.21 9.83
C SER B 54 -44.04 -2.17 9.12
N THR B 55 -43.61 -0.91 9.19
CA THR B 55 -44.33 0.19 8.57
C THR B 55 -43.29 1.16 7.99
N ARG B 56 -43.55 1.62 6.77
CA ARG B 56 -42.66 2.54 6.07
C ARG B 56 -41.68 3.34 6.95
N VAL B 57 -42.18 3.96 8.02
CA VAL B 57 -41.31 4.78 8.89
C VAL B 57 -40.02 4.07 9.28
N HIS B 58 -40.17 2.90 9.91
CA HIS B 58 -39.05 2.08 10.36
C HIS B 58 -38.13 1.64 9.24
N ALA B 59 -38.73 1.28 8.11
CA ALA B 59 -37.94 0.88 6.96
C ALA B 59 -36.99 2.03 6.67
N LEU B 60 -37.55 3.23 6.56
CA LEU B 60 -36.75 4.42 6.29
C LEU B 60 -35.70 4.63 7.38
N ASN B 61 -36.14 4.42 8.62
CA ASN B 61 -35.31 4.58 9.83
C ASN B 61 -34.08 3.66 9.80
N ASN B 62 -34.34 2.38 9.55
CA ASN B 62 -33.28 1.38 9.46
C ASN B 62 -32.34 1.76 8.33
N VAL B 63 -32.91 1.94 7.14
CA VAL B 63 -32.11 2.31 5.98
C VAL B 63 -31.31 3.60 6.22
N ASN B 64 -31.75 4.43 7.14
CA ASN B 64 -31.01 5.66 7.40
C ASN B 64 -29.80 5.32 8.25
N ARG B 65 -29.99 4.39 9.18
CA ARG B 65 -28.90 3.98 10.02
C ARG B 65 -27.83 3.40 9.09
N VAL B 66 -28.26 2.53 8.16
CA VAL B 66 -27.34 1.91 7.23
C VAL B 66 -26.47 3.00 6.63
N LEU B 67 -27.12 3.90 5.91
CA LEU B 67 -26.44 5.01 5.25
C LEU B 67 -25.62 5.77 6.28
N GLN B 68 -26.18 5.94 7.46
CA GLN B 68 -25.50 6.64 8.54
C GLN B 68 -24.12 6.03 8.75
N VAL B 69 -24.12 4.73 9.03
CA VAL B 69 -22.88 3.98 9.27
C VAL B 69 -21.87 4.17 8.15
N LEU B 70 -22.28 3.83 6.92
CA LEU B 70 -21.37 3.98 5.80
C LEU B 70 -20.65 5.31 5.91
N HIS B 71 -21.43 6.38 6.10
CA HIS B 71 -20.88 7.73 6.23
C HIS B 71 -19.84 7.77 7.33
N GLN B 72 -20.15 7.14 8.46
CA GLN B 72 -19.22 7.11 9.58
C GLN B 72 -17.91 6.50 9.09
N ASN B 73 -18.03 5.55 8.17
CA ASN B 73 -16.87 4.85 7.62
C ASN B 73 -16.24 5.52 6.43
N ASN B 74 -16.58 6.78 6.17
CA ASN B 74 -16.03 7.51 5.05
C ASN B 74 -16.43 6.89 3.71
N VAL B 75 -17.66 6.39 3.67
CA VAL B 75 -18.23 5.80 2.47
C VAL B 75 -19.50 6.59 2.20
N GLU B 76 -19.36 7.73 1.52
CA GLU B 76 -20.51 8.57 1.20
C GLU B 76 -21.07 8.15 -0.16
N LEU B 77 -22.38 8.31 -0.31
CA LEU B 77 -23.04 7.96 -1.55
C LEU B 77 -23.48 9.17 -2.32
N VAL B 78 -23.35 9.08 -3.64
CA VAL B 78 -23.74 10.16 -4.53
C VAL B 78 -25.21 10.52 -4.32
N ASN B 79 -26.04 10.14 -5.27
CA ASN B 79 -27.46 10.43 -5.23
C ASN B 79 -28.25 9.30 -4.59
N ILE B 80 -27.97 8.99 -3.33
CA ILE B 80 -28.71 7.92 -2.68
C ILE B 80 -29.26 8.34 -1.33
N GLY B 81 -30.47 7.89 -1.05
CA GLY B 81 -31.13 8.21 0.21
C GLY B 81 -32.16 7.16 0.60
N GLY B 82 -32.53 7.17 1.88
CA GLY B 82 -33.50 6.22 2.40
C GLY B 82 -34.47 5.67 1.39
N THR B 83 -35.40 6.52 0.98
CA THR B 83 -36.44 6.18 0.02
C THR B 83 -36.04 5.34 -1.20
N ASP B 84 -34.90 5.69 -1.80
CA ASP B 84 -34.37 5.00 -2.96
C ASP B 84 -34.36 3.50 -2.71
N ILE B 85 -33.68 3.11 -1.64
CA ILE B 85 -33.58 1.72 -1.22
C ILE B 85 -34.94 1.22 -0.70
N VAL B 86 -35.58 2.02 0.14
CA VAL B 86 -36.88 1.62 0.68
C VAL B 86 -37.88 1.37 -0.43
N ASP B 87 -37.71 2.02 -1.57
CA ASP B 87 -38.66 1.85 -2.66
C ASP B 87 -38.29 0.79 -3.67
N GLY B 88 -37.03 0.38 -3.68
CA GLY B 88 -36.61 -0.67 -4.60
C GLY B 88 -35.97 -0.20 -5.88
N ASN B 89 -35.27 0.93 -5.82
CA ASN B 89 -34.63 1.44 -7.02
C ASN B 89 -33.50 0.50 -7.40
N HIS B 90 -33.77 -0.36 -8.37
CA HIS B 90 -32.81 -1.33 -8.89
C HIS B 90 -31.40 -0.72 -9.01
N LYS B 91 -31.27 0.18 -9.96
CA LYS B 91 -30.01 0.83 -10.20
C LYS B 91 -29.25 1.18 -8.91
N LEU B 92 -29.90 1.94 -8.04
CA LEU B 92 -29.28 2.40 -6.80
C LEU B 92 -29.10 1.38 -5.69
N THR B 93 -29.97 0.38 -5.63
CA THR B 93 -29.83 -0.65 -4.62
C THR B 93 -28.50 -1.37 -4.83
N LEU B 94 -28.19 -1.64 -6.10
CA LEU B 94 -26.95 -2.30 -6.48
C LEU B 94 -25.84 -1.35 -6.09
N GLY B 95 -25.92 -0.16 -6.66
CA GLY B 95 -24.94 0.88 -6.43
C GLY B 95 -24.53 0.99 -4.98
N LEU B 96 -25.47 0.71 -4.08
CA LEU B 96 -25.21 0.76 -2.64
C LEU B 96 -24.43 -0.50 -2.20
N LEU B 97 -24.91 -1.66 -2.62
CA LEU B 97 -24.23 -2.89 -2.27
C LEU B 97 -22.80 -2.78 -2.70
N TRP B 98 -22.60 -2.50 -3.98
CA TRP B 98 -21.27 -2.39 -4.51
C TRP B 98 -20.42 -1.48 -3.62
N SER B 99 -20.99 -0.39 -3.14
CA SER B 99 -20.23 0.53 -2.30
C SER B 99 -19.68 -0.17 -1.05
N ILE B 100 -20.49 -1.06 -0.48
CA ILE B 100 -20.10 -1.81 0.71
C ILE B 100 -18.96 -2.75 0.34
N ILE B 101 -19.23 -3.61 -0.65
CA ILE B 101 -18.29 -4.57 -1.17
C ILE B 101 -16.96 -3.90 -1.47
N LEU B 102 -17.04 -2.78 -2.17
CA LEU B 102 -15.86 -2.04 -2.53
C LEU B 102 -15.07 -1.58 -1.29
N HIS B 103 -15.77 -1.06 -0.28
CA HIS B 103 -15.10 -0.59 0.93
C HIS B 103 -14.55 -1.69 1.85
N TRP B 104 -15.36 -2.69 2.15
CA TRP B 104 -14.92 -3.74 3.06
C TRP B 104 -14.11 -4.86 2.45
N GLN B 105 -14.12 -4.99 1.13
CA GLN B 105 -13.35 -6.04 0.51
C GLN B 105 -12.33 -5.49 -0.48
N VAL B 106 -12.79 -5.22 -1.69
CA VAL B 106 -11.94 -4.72 -2.77
C VAL B 106 -10.88 -3.74 -2.31
N LYS B 107 -11.30 -2.64 -1.70
CA LYS B 107 -10.35 -1.65 -1.25
C LYS B 107 -9.49 -2.17 -0.11
N ASP B 108 -10.11 -2.88 0.82
CA ASP B 108 -9.38 -3.43 1.96
C ASP B 108 -8.17 -4.26 1.51
N VAL B 109 -8.44 -5.20 0.62
CA VAL B 109 -7.44 -6.11 0.07
C VAL B 109 -6.24 -5.42 -0.57
N MSE B 110 -6.46 -4.22 -1.12
CA MSE B 110 -5.40 -3.47 -1.79
C MSE B 110 -4.16 -3.22 -0.97
O MSE B 110 -3.07 -3.07 -1.54
CB MSE B 110 -5.96 -2.14 -2.31
CG MSE B 110 -6.96 -2.35 -3.41
SE MSE B 110 -6.15 -3.28 -4.79
CE MSE B 110 -7.62 -3.38 -5.89
N LYS B 111 -4.29 -3.17 0.34
CA LYS B 111 -3.13 -2.94 1.19
C LYS B 111 -2.16 -4.10 1.06
N ASP B 112 -2.71 -5.32 1.13
CA ASP B 112 -1.93 -6.54 1.02
C ASP B 112 -1.31 -6.67 -0.38
N VAL B 113 -2.12 -6.47 -1.41
CA VAL B 113 -1.66 -6.53 -2.79
C VAL B 113 -0.44 -5.65 -3.01
N MSE B 114 -0.42 -4.48 -2.38
CA MSE B 114 0.73 -3.59 -2.52
C MSE B 114 1.92 -4.20 -1.83
O MSE B 114 3.03 -4.19 -2.35
CB MSE B 114 0.47 -2.22 -1.90
CG MSE B 114 -0.84 -1.59 -2.27
SE MSE B 114 -0.54 0.17 -2.65
CE MSE B 114 -2.30 0.57 -2.98
N SER B 115 1.69 -4.73 -0.63
CA SER B 115 2.76 -5.36 0.15
C SER B 115 3.44 -6.40 -0.71
N ASP B 116 2.64 -7.16 -1.45
CA ASP B 116 3.15 -8.20 -2.33
C ASP B 116 3.96 -7.61 -3.47
N LEU B 117 3.60 -6.41 -3.92
CA LEU B 117 4.33 -5.79 -5.01
C LEU B 117 5.67 -5.29 -4.51
N GLN B 118 5.74 -4.98 -3.22
CA GLN B 118 6.95 -4.49 -2.59
C GLN B 118 7.94 -5.63 -2.30
N GLN B 119 7.52 -6.88 -2.55
CA GLN B 119 8.37 -8.04 -2.29
C GLN B 119 9.37 -8.30 -3.43
N THR B 120 8.92 -8.19 -4.68
CA THR B 120 9.80 -8.39 -5.82
C THR B 120 10.34 -7.05 -6.33
N ASN B 121 9.90 -5.98 -5.66
CA ASN B 121 10.31 -4.60 -5.97
C ASN B 121 10.00 -3.68 -4.78
N SER B 122 11.05 -3.22 -4.09
CA SER B 122 10.92 -2.38 -2.90
C SER B 122 10.55 -0.91 -3.19
N GLU B 123 11.10 -0.38 -4.27
CA GLU B 123 10.85 1.00 -4.65
C GLU B 123 9.67 1.16 -5.60
N LYS B 124 9.15 0.05 -6.13
CA LYS B 124 8.02 0.12 -7.04
C LYS B 124 6.93 1.02 -6.48
N ILE B 125 6.28 0.55 -5.41
CA ILE B 125 5.21 1.31 -4.76
C ILE B 125 5.52 2.77 -4.50
N LEU B 126 6.72 3.07 -4.00
CA LEU B 126 7.06 4.46 -3.73
C LEU B 126 7.31 5.21 -5.03
N LEU B 127 7.65 4.49 -6.08
CA LEU B 127 7.90 5.13 -7.37
C LEU B 127 6.59 5.49 -8.00
N SER B 128 5.64 4.57 -7.93
CA SER B 128 4.35 4.82 -8.51
C SER B 128 3.65 5.98 -7.80
N TRP B 129 4.11 6.31 -6.60
CA TRP B 129 3.53 7.41 -5.84
C TRP B 129 4.04 8.72 -6.39
N VAL B 130 5.35 8.79 -6.60
CA VAL B 130 5.99 9.99 -7.13
C VAL B 130 5.55 10.24 -8.58
N ARG B 131 5.27 9.17 -9.31
CA ARG B 131 4.84 9.31 -10.69
C ARG B 131 3.45 9.93 -10.74
N GLN B 132 2.60 9.49 -9.82
CA GLN B 132 1.23 10.00 -9.72
C GLN B 132 1.23 11.42 -9.17
N THR B 133 2.12 11.70 -8.23
CA THR B 133 2.22 13.03 -7.62
C THR B 133 2.70 14.08 -8.61
N THR B 134 3.72 13.76 -9.39
CA THR B 134 4.26 14.70 -10.34
C THR B 134 3.71 14.52 -11.76
N ARG B 135 2.58 13.83 -11.88
CA ARG B 135 1.97 13.59 -13.18
C ARG B 135 1.68 14.89 -13.94
N PRO B 136 0.96 15.84 -13.30
CA PRO B 136 0.62 17.12 -13.95
C PRO B 136 1.82 17.84 -14.55
N TYR B 137 2.94 17.83 -13.84
CA TYR B 137 4.15 18.49 -14.30
C TYR B 137 4.72 17.86 -15.57
N SER B 138 4.52 18.57 -16.67
CA SER B 138 4.96 18.14 -17.99
C SER B 138 6.41 17.69 -18.09
N GLN B 139 7.34 18.60 -17.79
CA GLN B 139 8.76 18.30 -17.89
C GLN B 139 9.39 17.42 -16.81
N VAL B 140 8.59 16.57 -16.18
CA VAL B 140 9.10 15.69 -15.14
C VAL B 140 8.67 14.24 -15.40
N ASN B 141 9.66 13.37 -15.53
CA ASN B 141 9.42 11.94 -15.75
C ASN B 141 10.38 11.15 -14.87
N VAL B 142 9.80 10.48 -13.89
CA VAL B 142 10.57 9.69 -12.94
C VAL B 142 10.47 8.21 -13.28
N LEU B 143 11.61 7.61 -13.58
CA LEU B 143 11.69 6.19 -13.91
C LEU B 143 12.43 5.41 -12.81
N ASN B 144 13.27 6.12 -12.06
CA ASN B 144 14.06 5.51 -11.01
C ASN B 144 14.34 6.51 -9.90
N PHE B 145 15.17 6.12 -8.94
CA PHE B 145 15.53 7.00 -7.85
C PHE B 145 16.99 7.39 -7.96
N THR B 146 17.43 7.54 -9.21
CA THR B 146 18.81 7.91 -9.46
C THR B 146 18.88 9.05 -10.48
N THR B 147 18.85 8.71 -11.76
CA THR B 147 18.95 9.70 -12.82
C THR B 147 17.74 10.63 -12.97
N SER B 148 16.54 10.10 -12.80
CA SER B 148 15.34 10.91 -12.91
C SER B 148 15.37 12.13 -12.00
N TRP B 149 16.25 12.12 -11.00
CA TRP B 149 16.31 13.23 -10.05
C TRP B 149 17.49 14.19 -10.23
N THR B 150 18.31 13.92 -11.24
CA THR B 150 19.49 14.73 -11.55
C THR B 150 19.26 16.17 -12.00
N ASP B 151 18.27 16.41 -12.85
CA ASP B 151 17.99 17.77 -13.31
C ASP B 151 17.37 18.62 -12.20
N GLY B 152 17.01 17.97 -11.10
CA GLY B 152 16.43 18.66 -9.96
C GLY B 152 15.01 19.15 -10.15
N LEU B 153 14.40 18.81 -11.28
CA LEU B 153 13.03 19.22 -11.54
C LEU B 153 12.09 18.40 -10.68
N ALA B 154 12.26 17.08 -10.75
CA ALA B 154 11.43 16.14 -10.01
C ALA B 154 11.33 16.47 -8.51
N PHE B 155 12.43 16.93 -7.92
CA PHE B 155 12.41 17.26 -6.50
C PHE B 155 11.43 18.37 -6.17
N ASN B 156 11.43 19.40 -7.01
CA ASN B 156 10.53 20.53 -6.83
C ASN B 156 9.08 20.15 -7.11
N ALA B 157 8.87 19.45 -8.21
CA ALA B 157 7.53 19.02 -8.58
C ALA B 157 6.82 18.40 -7.37
N VAL B 158 7.54 17.55 -6.64
CA VAL B 158 6.97 16.88 -5.47
C VAL B 158 6.46 17.91 -4.45
N LEU B 159 7.33 18.86 -4.11
CA LEU B 159 7.01 19.95 -3.18
C LEU B 159 5.78 20.69 -3.68
N HIS B 160 5.98 21.39 -4.80
CA HIS B 160 4.96 22.18 -5.46
C HIS B 160 3.57 21.57 -5.47
N ARG B 161 3.44 20.44 -6.12
CA ARG B 161 2.15 19.77 -6.24
C ARG B 161 1.21 19.92 -5.05
N HIS B 162 1.74 20.06 -3.84
CA HIS B 162 0.87 20.22 -2.68
C HIS B 162 1.10 21.54 -1.96
N LYS B 163 1.14 22.63 -2.74
CA LYS B 163 1.36 23.99 -2.24
C LYS B 163 1.93 24.82 -3.38
N PRO B 164 1.16 25.01 -4.45
CA PRO B 164 1.59 25.77 -5.64
C PRO B 164 1.84 27.26 -5.42
N ASP B 165 1.26 27.80 -4.35
CA ASP B 165 1.41 29.22 -4.02
C ASP B 165 2.76 29.46 -3.36
N LEU B 166 3.49 28.38 -3.11
CA LEU B 166 4.79 28.45 -2.46
C LEU B 166 5.87 29.07 -3.37
N PHE B 167 5.74 28.83 -4.67
CA PHE B 167 6.69 29.35 -5.65
C PHE B 167 6.18 29.07 -7.07
N SER B 168 6.80 29.73 -8.05
CA SER B 168 6.38 29.57 -9.43
C SER B 168 7.01 28.35 -10.13
N TRP B 169 6.16 27.49 -10.68
CA TRP B 169 6.65 26.32 -11.37
C TRP B 169 7.41 26.71 -12.63
N ASP B 170 6.86 27.69 -13.37
CA ASP B 170 7.49 28.15 -14.60
C ASP B 170 8.84 28.80 -14.28
N LYS B 171 8.90 29.48 -13.15
CA LYS B 171 10.12 30.15 -12.71
C LYS B 171 11.21 29.10 -12.50
N VAL B 172 10.80 27.92 -12.05
CA VAL B 172 11.74 26.83 -11.81
C VAL B 172 12.33 26.34 -13.13
N VAL B 173 11.46 25.83 -14.00
CA VAL B 173 11.88 25.30 -15.29
C VAL B 173 12.93 26.21 -15.95
N LYS B 174 12.92 27.49 -15.60
CA LYS B 174 13.86 28.45 -16.15
C LYS B 174 15.29 28.27 -15.61
N MSE B 175 15.41 28.14 -14.29
CA MSE B 175 16.71 27.98 -13.64
C MSE B 175 17.45 26.68 -13.96
O MSE B 175 16.86 25.70 -14.43
CB MSE B 175 16.56 28.13 -12.12
CG MSE B 175 15.31 27.49 -11.53
SE MSE B 175 15.14 27.96 -9.75
CE MSE B 175 13.61 27.06 -9.38
N SER B 176 18.74 26.67 -13.67
CA SER B 176 19.59 25.51 -13.92
C SER B 176 19.37 24.40 -12.90
N PRO B 177 19.78 23.17 -13.23
CA PRO B 177 19.63 22.02 -12.32
C PRO B 177 20.23 22.30 -10.94
N ILE B 178 21.32 23.04 -10.91
CA ILE B 178 21.96 23.39 -9.64
C ILE B 178 21.06 24.33 -8.86
N GLU B 179 20.53 25.33 -9.53
CA GLU B 179 19.64 26.28 -8.88
C GLU B 179 18.39 25.51 -8.46
N ARG B 180 17.86 24.72 -9.40
CA ARG B 180 16.65 23.93 -9.17
C ARG B 180 16.71 23.08 -7.88
N LEU B 181 17.90 22.63 -7.51
CA LEU B 181 18.07 21.83 -6.30
C LEU B 181 18.35 22.74 -5.10
N GLU B 182 19.32 23.63 -5.23
CA GLU B 182 19.66 24.57 -4.14
C GLU B 182 18.38 25.19 -3.62
N HIS B 183 17.43 25.36 -4.55
CA HIS B 183 16.13 25.95 -4.29
C HIS B 183 15.26 24.99 -3.47
N ALA B 184 14.85 23.90 -4.12
CA ALA B 184 14.02 22.87 -3.51
C ALA B 184 14.49 22.53 -2.10
N PHE B 185 15.78 22.23 -1.97
CA PHE B 185 16.35 21.89 -0.66
C PHE B 185 16.13 23.05 0.29
N SER B 186 16.34 24.27 -0.22
CA SER B 186 16.17 25.47 0.61
C SER B 186 14.71 25.63 0.99
N LYS B 187 13.81 25.47 0.02
CA LYS B 187 12.39 25.59 0.28
C LYS B 187 12.00 24.56 1.34
N ALA B 188 12.02 23.29 0.96
CA ALA B 188 11.68 22.20 1.88
C ALA B 188 12.20 22.44 3.28
N GLN B 189 13.40 22.99 3.37
CA GLN B 189 14.04 23.28 4.64
C GLN B 189 13.30 24.35 5.49
N THR B 190 13.14 25.55 4.93
CA THR B 190 12.48 26.63 5.65
C THR B 190 11.01 26.41 5.95
N TYR B 191 10.27 25.90 4.98
CA TYR B 191 8.84 25.67 5.14
C TYR B 191 8.44 24.27 5.55
N LEU B 192 9.40 23.36 5.70
CA LEU B 192 9.05 21.99 6.08
C LEU B 192 9.91 21.41 7.22
N GLY B 193 10.92 22.17 7.63
CA GLY B 193 11.77 21.72 8.72
C GLY B 193 12.74 20.63 8.31
N ILE B 194 12.53 20.06 7.12
CA ILE B 194 13.40 19.01 6.62
C ILE B 194 14.80 19.55 6.39
N GLU B 195 15.77 18.86 6.97
CA GLU B 195 17.18 19.23 6.87
C GLU B 195 17.72 18.98 5.47
N LYS B 196 18.72 19.75 5.09
CA LYS B 196 19.33 19.60 3.76
C LYS B 196 20.28 18.40 3.71
N LEU B 197 19.69 17.21 3.66
CA LEU B 197 20.47 15.97 3.62
C LEU B 197 21.36 15.93 2.39
N LEU B 198 20.80 16.17 1.21
CA LEU B 198 21.60 16.15 0.00
C LEU B 198 22.21 17.51 -0.35
N ASP B 199 23.21 17.45 -1.22
CA ASP B 199 23.91 18.62 -1.73
C ASP B 199 23.76 18.54 -3.24
N PRO B 200 23.58 19.69 -3.91
CA PRO B 200 23.42 19.68 -5.37
C PRO B 200 24.52 18.91 -6.13
N GLU B 201 25.78 19.27 -5.91
CA GLU B 201 26.88 18.60 -6.57
C GLU B 201 26.82 17.09 -6.40
N ASP B 202 26.11 16.65 -5.37
CA ASP B 202 25.95 15.22 -5.09
C ASP B 202 24.80 14.63 -5.88
N VAL B 203 23.77 15.43 -6.14
CA VAL B 203 22.61 14.95 -6.87
C VAL B 203 22.74 15.14 -8.38
N ALA B 204 23.43 16.19 -8.80
CA ALA B 204 23.62 16.46 -10.22
C ALA B 204 24.87 15.73 -10.71
N VAL B 205 24.70 14.43 -10.97
CA VAL B 205 25.78 13.59 -11.45
C VAL B 205 25.20 12.41 -12.25
N ARG B 206 25.99 11.88 -13.19
CA ARG B 206 25.58 10.77 -14.05
C ARG B 206 24.70 9.80 -13.25
N LEU B 207 25.31 9.19 -12.24
CA LEU B 207 24.61 8.25 -11.38
C LEU B 207 24.71 8.76 -9.93
N PRO B 208 23.61 9.28 -9.38
CA PRO B 208 23.67 9.78 -8.00
C PRO B 208 23.28 8.63 -7.07
N ASP B 209 23.64 8.77 -5.80
CA ASP B 209 23.35 7.72 -4.82
C ASP B 209 21.86 7.47 -4.57
N LYS B 210 21.42 6.26 -4.91
CA LYS B 210 20.02 5.88 -4.75
C LYS B 210 19.50 5.90 -3.31
N LYS B 211 20.25 5.34 -2.38
CA LYS B 211 19.82 5.30 -0.99
C LYS B 211 19.65 6.71 -0.42
N SER B 212 20.58 7.60 -0.70
CA SER B 212 20.48 8.96 -0.20
C SER B 212 19.23 9.68 -0.70
N ILE B 213 18.89 9.45 -1.97
CA ILE B 213 17.71 10.08 -2.57
C ILE B 213 16.50 9.60 -1.80
N ILE B 214 16.29 8.28 -1.83
CA ILE B 214 15.16 7.65 -1.16
C ILE B 214 15.01 8.06 0.29
N MSE B 215 16.13 8.34 0.97
CA MSE B 215 16.02 8.71 2.36
C MSE B 215 15.53 10.13 2.50
O MSE B 215 14.73 10.44 3.40
CB MSE B 215 17.35 8.49 3.08
CG MSE B 215 18.31 9.65 3.10
SE MSE B 215 19.47 9.44 4.53
CE MSE B 215 20.49 10.94 4.29
N TYR B 216 15.99 11.01 1.60
CA TYR B 216 15.56 12.41 1.63
C TYR B 216 14.11 12.49 1.16
N LEU B 217 13.79 11.72 0.13
CA LEU B 217 12.45 11.66 -0.42
C LEU B 217 11.45 11.24 0.66
N THR B 218 11.79 10.23 1.45
CA THR B 218 10.89 9.75 2.48
C THR B 218 10.81 10.75 3.62
N SER B 219 11.86 11.57 3.77
CA SER B 219 11.85 12.57 4.82
C SER B 219 10.81 13.61 4.45
N LEU B 220 10.92 14.12 3.24
CA LEU B 220 10.00 15.11 2.70
C LEU B 220 8.56 14.65 2.87
N PHE B 221 8.28 13.47 2.34
CA PHE B 221 6.94 12.90 2.38
C PHE B 221 6.29 12.88 3.74
N GLU B 222 7.07 12.58 4.79
CA GLU B 222 6.51 12.48 6.13
C GLU B 222 5.75 13.73 6.58
N VAL B 223 6.40 14.86 6.39
CA VAL B 223 5.86 16.15 6.78
C VAL B 223 5.14 16.87 5.66
N LEU B 224 4.81 16.14 4.60
CA LEU B 224 4.11 16.73 3.46
C LEU B 224 2.58 16.73 3.67
N PRO B 225 1.89 17.76 3.17
CA PRO B 225 0.44 17.88 3.27
C PRO B 225 -0.26 17.55 1.93
N GLN B 226 -1.47 17.00 2.00
CA GLN B 226 -2.23 16.64 0.78
C GLN B 226 -3.59 17.35 0.74
#